data_5AV3
#
_entry.id   5AV3
#
_cell.length_a   46.884
_cell.length_b   62.357
_cell.length_c   88.329
_cell.angle_alpha   90.00
_cell.angle_beta   90.00
_cell.angle_gamma   90.00
#
_symmetry.space_group_name_H-M   'P 21 21 21'
#
loop_
_entity.id
_entity.type
_entity.pdbx_description
1 polymer 'Death-associated protein kinase 1'
2 non-polymer 3,5,7-TRIHYDROXY-2-(4-HYDROXYPHENYL)-4H-CHROMEN-4-ONE
3 non-polymer 'IODIDE ION'
4 water water
#
_entity_poly.entity_id   1
_entity_poly.type   'polypeptide(L)'
_entity_poly.pdbx_seq_one_letter_code
;MTVFRQENVDDYYDTGEELGSGQFAVVKKCREKSTGLQYAAKFIKKRRTKSSRRGVSREDIEREVSILKEIQHPNVITLH
EVYENKTDVILILELVAGGELFDFLAEKESLTEEEATEFLKQILNGVYYLHSLQIAHFDLKPENIMLLDRNVPKPRIKII
DFGLAHKIDFGNEFKNIFGTPEFVAPEIVNYEPLGLEADMWSIGVITYILLSGASPFLGDTKQETLANVSAVNYEFEDEY
FSNTSALAKDFIRRLLVKDPKKRMTIQDSLQHPWIKPKDTQQALSLEHHHHHH
;
_entity_poly.pdbx_strand_id   A
#
loop_
_chem_comp.id
_chem_comp.type
_chem_comp.name
_chem_comp.formula
IOD non-polymer 'IODIDE ION' 'I -1'
KMP non-polymer 3,5,7-TRIHYDROXY-2-(4-HYDROXYPHENYL)-4H-CHROMEN-4-ONE 'C15 H10 O6'
#
# COMPACT_ATOMS: atom_id res chain seq x y z
N THR A 2 16.97 15.97 -8.79
CA THR A 2 16.34 15.80 -10.10
C THR A 2 15.18 16.77 -10.28
N VAL A 3 15.09 17.37 -11.45
CA VAL A 3 14.00 18.30 -11.73
C VAL A 3 12.96 17.69 -12.63
N PHE A 4 11.77 18.28 -12.63
CA PHE A 4 10.67 17.74 -13.40
C PHE A 4 10.14 18.79 -14.37
N ARG A 5 9.14 18.42 -15.18
CA ARG A 5 8.59 19.34 -16.18
C ARG A 5 7.96 20.55 -15.52
N GLN A 6 8.39 21.74 -15.90
CA GLN A 6 7.92 22.94 -15.22
C GLN A 6 6.96 23.81 -16.04
N GLU A 7 6.46 23.25 -17.12
CA GLU A 7 5.35 23.88 -17.84
C GLU A 7 4.09 23.71 -17.02
N ASN A 8 3.10 24.58 -17.24
CA ASN A 8 1.82 24.44 -16.56
C ASN A 8 1.11 23.17 -16.98
N VAL A 9 0.80 22.32 -16.00
CA VAL A 9 0.16 21.04 -16.26
C VAL A 9 -1.20 21.24 -16.94
N ASP A 10 -1.83 22.39 -16.66
CA ASP A 10 -3.14 22.70 -17.24
C ASP A 10 -3.08 22.95 -18.75
N ASP A 11 -1.89 23.20 -19.27
CA ASP A 11 -1.72 23.38 -20.72
C ASP A 11 -1.73 22.03 -21.45
N TYR A 12 -1.56 20.95 -20.70
CA TYR A 12 -1.45 19.62 -21.29
C TYR A 12 -2.54 18.65 -20.80
N TYR A 13 -3.12 18.97 -19.64
CA TYR A 13 -4.15 18.12 -19.05
C TYR A 13 -5.34 18.95 -18.58
N ASP A 14 -6.53 18.34 -18.62
CA ASP A 14 -7.72 18.92 -18.00
C ASP A 14 -8.08 18.04 -16.81
N THR A 15 -8.28 18.65 -15.66
CA THR A 15 -8.62 17.90 -14.46
C THR A 15 -10.12 17.77 -14.31
N GLY A 16 -10.56 16.75 -13.58
CA GLY A 16 -11.97 16.55 -13.31
C GLY A 16 -12.24 16.14 -11.89
N GLU A 17 -12.98 15.04 -11.75
CA GLU A 17 -13.38 14.49 -10.46
C GLU A 17 -12.20 14.30 -9.52
N GLU A 18 -12.33 14.78 -8.29
CA GLU A 18 -11.32 14.50 -7.27
C GLU A 18 -11.55 13.09 -6.74
N LEU A 19 -10.47 12.31 -6.66
CA LEU A 19 -10.56 10.91 -6.28
C LEU A 19 -10.34 10.72 -4.78
N GLY A 20 -9.59 11.63 -4.19
CA GLY A 20 -9.34 11.58 -2.76
C GLY A 20 -8.17 12.46 -2.36
N SER A 21 -7.91 12.54 -1.07
CA SER A 21 -6.80 13.32 -0.58
C SER A 21 -6.32 12.77 0.74
N GLY A 22 -5.02 12.96 1.02
CA GLY A 22 -4.46 12.59 2.30
C GLY A 22 -3.91 13.82 2.96
N GLN A 23 -2.88 13.64 3.77
CA GLN A 23 -2.29 14.75 4.51
C GLN A 23 -1.53 15.72 3.61
N PHE A 24 -0.85 15.19 2.61
CA PHE A 24 0.03 16.02 1.77
C PHE A 24 -0.32 15.97 0.29
N ALA A 25 -1.17 15.03 -0.09
CA ALA A 25 -1.49 14.85 -1.51
C ALA A 25 -2.98 14.98 -1.77
N VAL A 26 -3.33 15.47 -2.96
CA VAL A 26 -4.70 15.47 -3.43
C VAL A 26 -4.68 14.84 -4.82
N VAL A 27 -5.59 13.91 -5.07
CA VAL A 27 -5.61 13.18 -6.33
C VAL A 27 -6.86 13.50 -7.14
N LYS A 28 -6.65 13.93 -8.38
CA LYS A 28 -7.76 14.29 -9.26
C LYS A 28 -7.69 13.50 -10.55
N LYS A 29 -8.86 13.07 -11.04
CA LYS A 29 -8.93 12.51 -12.38
C LYS A 29 -8.51 13.58 -13.37
N CYS A 30 -7.85 13.17 -14.45
CA CYS A 30 -7.46 14.12 -15.48
C CYS A 30 -7.40 13.47 -16.85
N ARG A 31 -7.40 14.30 -17.89
CA ARG A 31 -7.40 13.82 -19.25
C ARG A 31 -6.34 14.56 -20.05
N GLU A 32 -5.44 13.82 -20.70
CA GLU A 32 -4.39 14.43 -21.49
C GLU A 32 -4.97 14.95 -22.80
N LYS A 33 -4.69 16.21 -23.12
CA LYS A 33 -5.30 16.86 -24.28
C LYS A 33 -4.86 16.27 -25.60
N SER A 34 -3.61 15.82 -25.67
CA SER A 34 -3.03 15.35 -26.93
C SER A 34 -3.48 13.94 -27.33
N THR A 35 -3.98 13.16 -26.38
CA THR A 35 -4.32 11.76 -26.64
C THR A 35 -5.73 11.37 -26.19
N GLY A 36 -6.34 12.20 -25.34
CA GLY A 36 -7.65 11.90 -24.80
C GLY A 36 -7.61 10.83 -23.71
N LEU A 37 -6.42 10.36 -23.40
CA LEU A 37 -6.24 9.29 -22.41
C LEU A 37 -6.37 9.84 -21.00
N GLN A 38 -6.96 9.05 -20.11
CA GLN A 38 -7.22 9.49 -18.76
C GLN A 38 -6.19 8.98 -17.74
N TYR A 39 -5.91 9.82 -16.75
CA TYR A 39 -4.91 9.52 -15.74
C TYR A 39 -5.40 10.00 -14.38
N ALA A 40 -4.59 9.74 -13.35
CA ALA A 40 -4.82 10.32 -12.04
C ALA A 40 -3.67 11.27 -11.74
N ALA A 41 -4.00 12.53 -11.50
CA ALA A 41 -2.97 13.51 -11.18
C ALA A 41 -2.87 13.67 -9.67
N LYS A 42 -1.70 13.32 -9.11
CA LYS A 42 -1.49 13.48 -7.69
C LYS A 42 -0.67 14.74 -7.41
N PHE A 43 -1.29 15.71 -6.73
CA PHE A 43 -0.62 16.96 -6.40
C PHE A 43 0.00 16.84 -5.01
N ILE A 44 1.33 16.85 -4.95
CA ILE A 44 2.03 16.70 -3.68
C ILE A 44 2.60 18.02 -3.20
N LYS A 45 2.15 18.48 -2.04
CA LYS A 45 2.59 19.78 -1.53
C LYS A 45 4.07 19.76 -1.11
N LYS A 46 4.83 20.72 -1.65
CA LYS A 46 6.25 20.85 -1.33
C LYS A 46 6.47 21.57 -0.01
N ARG A 47 7.60 21.26 0.65
CA ARG A 47 8.04 22.02 1.81
C ARG A 47 8.41 23.45 1.38
N ARG A 48 8.08 24.44 2.21
CA ARG A 48 8.37 25.82 1.83
C ARG A 48 9.66 26.31 2.48
N THR A 49 10.06 25.63 3.55
CA THR A 49 11.35 25.86 4.20
C THR A 49 11.93 24.51 4.61
N LYS A 50 13.21 24.46 4.95
CA LYS A 50 13.87 23.20 5.29
C LYS A 50 13.37 22.62 6.61
N SER A 51 13.19 23.49 7.59
CA SER A 51 12.84 23.06 8.94
C SER A 51 11.35 22.85 9.11
N SER A 52 10.59 23.09 8.04
CA SER A 52 9.14 22.90 8.09
C SER A 52 8.79 21.43 8.25
N ARG A 53 7.58 21.17 8.71
CA ARG A 53 7.07 19.81 8.83
C ARG A 53 5.72 19.74 8.11
N ARG A 54 5.33 20.88 7.54
CA ARG A 54 4.26 20.96 6.56
C ARG A 54 4.81 20.60 5.18
N GLY A 55 4.05 19.86 4.38
CA GLY A 55 4.50 19.47 3.06
C GLY A 55 5.52 18.34 3.08
N VAL A 56 5.91 17.89 1.89
CA VAL A 56 6.82 16.76 1.75
C VAL A 56 8.21 17.26 1.32
N SER A 57 9.25 16.74 1.97
CA SER A 57 10.63 17.12 1.64
C SER A 57 10.95 16.70 0.22
N ARG A 58 11.83 17.45 -0.45
CA ARG A 58 12.20 17.11 -1.82
C ARG A 58 12.85 15.73 -1.88
N GLU A 59 13.62 15.39 -0.85
CA GLU A 59 14.26 14.08 -0.79
C GLU A 59 13.22 12.95 -0.80
N ASP A 60 12.14 13.12 -0.05
CA ASP A 60 11.08 12.13 -0.01
C ASP A 60 10.30 12.07 -1.32
N ILE A 61 10.08 13.22 -1.95
CA ILE A 61 9.38 13.25 -3.23
C ILE A 61 10.21 12.56 -4.29
N GLU A 62 11.51 12.86 -4.31
CA GLU A 62 12.40 12.27 -5.30
C GLU A 62 12.55 10.76 -5.13
N ARG A 63 12.50 10.28 -3.88
CA ARG A 63 12.58 8.85 -3.63
C ARG A 63 11.33 8.15 -4.17
N GLU A 64 10.17 8.74 -3.94
CA GLU A 64 8.92 8.17 -4.43
C GLU A 64 8.88 8.11 -5.96
N VAL A 65 9.28 9.20 -6.61
CA VAL A 65 9.32 9.25 -8.07
C VAL A 65 10.31 8.25 -8.64
N SER A 66 11.48 8.16 -8.03
CA SER A 66 12.52 7.22 -8.48
C SER A 66 12.02 5.77 -8.43
N ILE A 67 11.32 5.43 -7.35
CA ILE A 67 10.76 4.10 -7.20
C ILE A 67 9.65 3.84 -8.22
N LEU A 68 8.74 4.81 -8.37
CA LEU A 68 7.64 4.70 -9.33
C LEU A 68 8.12 4.51 -10.76
N LYS A 69 9.21 5.20 -11.13
CA LYS A 69 9.72 5.08 -12.49
C LYS A 69 10.23 3.67 -12.81
N GLU A 70 10.59 2.92 -11.77
CA GLU A 70 11.12 1.58 -11.95
C GLU A 70 10.06 0.55 -12.32
N ILE A 71 8.83 0.78 -11.87
CA ILE A 71 7.84 -0.28 -11.84
C ILE A 71 6.89 -0.39 -13.04
N GLN A 72 6.78 -1.60 -13.57
CA GLN A 72 5.79 -1.93 -14.58
C GLN A 72 5.31 -3.36 -14.34
N HIS A 73 4.15 -3.47 -13.72
CA HIS A 73 3.57 -4.75 -13.37
C HIS A 73 2.07 -4.53 -13.27
N PRO A 74 1.27 -5.52 -13.68
CA PRO A 74 -0.19 -5.37 -13.70
C PRO A 74 -0.83 -5.11 -12.34
N ASN A 75 -0.15 -5.46 -11.25
CA ASN A 75 -0.73 -5.27 -9.93
C ASN A 75 -0.13 -4.10 -9.15
N VAL A 76 0.58 -3.23 -9.84
CA VAL A 76 1.15 -2.05 -9.21
C VAL A 76 0.87 -0.84 -10.09
N ILE A 77 0.58 0.29 -9.45
CA ILE A 77 0.34 1.54 -10.18
C ILE A 77 1.56 1.95 -11.01
N THR A 78 1.31 2.55 -12.17
CA THR A 78 2.41 3.01 -13.03
C THR A 78 2.41 4.52 -13.16
N LEU A 79 3.60 5.08 -13.36
CA LEU A 79 3.77 6.52 -13.49
C LEU A 79 3.95 6.92 -14.94
N HIS A 80 3.22 7.95 -15.37
CA HIS A 80 3.26 8.42 -16.75
C HIS A 80 4.20 9.60 -16.93
N GLU A 81 4.03 10.62 -16.10
CA GLU A 81 4.77 11.88 -16.21
C GLU A 81 4.90 12.53 -14.86
N VAL A 82 5.87 13.45 -14.74
CA VAL A 82 5.99 14.28 -13.53
C VAL A 82 6.15 15.75 -13.89
N TYR A 83 5.29 16.59 -13.32
CA TYR A 83 5.41 18.04 -13.46
C TYR A 83 5.71 18.63 -12.08
N GLU A 84 6.13 19.90 -12.06
CA GLU A 84 6.27 20.59 -10.79
C GLU A 84 6.16 22.10 -10.96
N ASN A 85 5.80 22.76 -9.87
CA ASN A 85 5.89 24.20 -9.81
C ASN A 85 6.33 24.56 -8.40
N LYS A 86 6.28 25.84 -8.05
CA LYS A 86 6.75 26.29 -6.75
C LYS A 86 6.05 25.60 -5.57
N THR A 87 4.79 25.24 -5.78
CA THR A 87 3.93 24.76 -4.70
C THR A 87 3.82 23.23 -4.64
N ASP A 88 3.75 22.59 -5.80
CA ASP A 88 3.50 21.15 -5.86
C ASP A 88 4.42 20.41 -6.82
N VAL A 89 4.63 19.12 -6.55
CA VAL A 89 5.07 18.19 -7.58
C VAL A 89 3.81 17.47 -8.01
N ILE A 90 3.61 17.33 -9.32
CA ILE A 90 2.40 16.69 -9.81
C ILE A 90 2.74 15.39 -10.53
N LEU A 91 2.36 14.26 -9.95
CA LEU A 91 2.60 12.96 -10.57
C LEU A 91 1.41 12.61 -11.46
N ILE A 92 1.68 12.36 -12.74
CA ILE A 92 0.62 11.89 -13.62
C ILE A 92 0.64 10.38 -13.61
N LEU A 93 -0.35 9.79 -12.92
CA LEU A 93 -0.37 8.36 -12.66
C LEU A 93 -1.43 7.62 -13.46
N GLU A 94 -1.25 6.31 -13.61
CA GLU A 94 -2.25 5.44 -14.20
C GLU A 94 -3.57 5.61 -13.44
N LEU A 95 -4.67 5.68 -14.18
CA LEU A 95 -5.98 5.81 -13.55
C LEU A 95 -6.57 4.46 -13.18
N VAL A 96 -6.85 4.27 -11.89
CA VAL A 96 -7.51 3.06 -11.40
C VAL A 96 -8.81 3.54 -10.76
N ALA A 97 -9.93 3.29 -11.43
CA ALA A 97 -11.18 4.01 -11.14
C ALA A 97 -12.23 3.26 -10.32
N GLY A 98 -11.93 2.02 -9.93
CA GLY A 98 -12.89 1.20 -9.19
C GLY A 98 -12.92 1.44 -7.69
N GLY A 99 -12.13 2.40 -7.21
CA GLY A 99 -12.15 2.75 -5.80
C GLY A 99 -11.27 1.87 -4.94
N GLU A 100 -11.22 2.19 -3.65
CA GLU A 100 -10.39 1.43 -2.69
C GLU A 100 -10.96 0.07 -2.34
N LEU A 101 -10.06 -0.87 -2.04
CA LEU A 101 -10.45 -2.16 -1.49
C LEU A 101 -11.16 -1.93 -0.17
N PHE A 102 -10.71 -0.91 0.57
CA PHE A 102 -11.33 -0.55 1.84
C PHE A 102 -12.82 -0.26 1.69
N ASP A 103 -13.18 0.54 0.70
CA ASP A 103 -14.58 0.90 0.48
C ASP A 103 -15.38 -0.28 -0.09
N PHE A 104 -14.70 -1.10 -0.90
CA PHE A 104 -15.30 -2.30 -1.46
C PHE A 104 -15.70 -3.26 -0.35
N LEU A 105 -14.84 -3.41 0.64
CA LEU A 105 -15.12 -4.29 1.79
C LEU A 105 -16.28 -3.73 2.62
N ALA A 106 -16.37 -2.40 2.70
CA ALA A 106 -17.39 -1.75 3.51
C ALA A 106 -18.78 -1.83 2.88
N GLU A 107 -18.85 -1.83 1.55
CA GLU A 107 -20.12 -2.04 0.86
C GLU A 107 -20.65 -3.44 1.12
N LYS A 108 -19.80 -4.44 0.92
CA LYS A 108 -20.19 -5.82 1.16
C LYS A 108 -20.25 -6.12 2.65
N SER A 110 -18.22 -9.06 4.49
CA SER A 110 -17.33 -10.21 4.58
C SER A 110 -17.28 -10.95 3.25
N LEU A 111 -16.08 -11.36 2.84
CA LEU A 111 -15.90 -12.09 1.60
C LEU A 111 -15.88 -13.59 1.88
N THR A 112 -15.97 -14.38 0.82
CA THR A 112 -15.71 -15.82 0.92
C THR A 112 -14.20 -16.01 0.90
N GLU A 113 -13.74 -17.22 1.18
CA GLU A 113 -12.31 -17.50 1.08
C GLU A 113 -11.83 -17.40 -0.37
N GLU A 114 -12.72 -17.69 -1.32
CA GLU A 114 -12.39 -17.55 -2.74
C GLU A 114 -12.18 -16.09 -3.10
N GLU A 115 -13.13 -15.23 -2.70
CA GLU A 115 -13.01 -13.80 -2.95
C GLU A 115 -11.80 -13.22 -2.23
N ALA A 116 -11.57 -13.68 -1.01
CA ALA A 116 -10.41 -13.23 -0.23
C ALA A 116 -9.10 -13.60 -0.93
N THR A 117 -8.95 -14.86 -1.31
CA THR A 117 -7.74 -15.33 -1.98
C THR A 117 -7.56 -14.73 -3.37
N GLU A 118 -8.66 -14.34 -4.02
CA GLU A 118 -8.55 -13.74 -5.35
C GLU A 118 -7.95 -12.35 -5.29
N PHE A 119 -8.23 -11.61 -4.22
CA PHE A 119 -7.61 -10.32 -3.99
C PHE A 119 -6.19 -10.55 -3.50
N LEU A 120 -6.06 -11.44 -2.52
CA LEU A 120 -4.77 -11.69 -1.87
C LEU A 120 -3.71 -12.15 -2.87
N LYS A 121 -4.06 -13.07 -3.76
CA LYS A 121 -3.12 -13.56 -4.76
C LYS A 121 -2.55 -12.45 -5.65
N GLN A 122 -3.37 -11.45 -5.95
CA GLN A 122 -2.92 -10.33 -6.76
C GLN A 122 -2.00 -9.43 -5.96
N ILE A 123 -2.34 -9.21 -4.70
CA ILE A 123 -1.50 -8.44 -3.81
C ILE A 123 -0.13 -9.14 -3.68
N LEU A 124 -0.16 -10.46 -3.51
CA LEU A 124 1.07 -11.22 -3.37
C LEU A 124 1.94 -11.12 -4.63
N ASN A 125 1.31 -11.20 -5.80
CA ASN A 125 2.04 -11.07 -7.06
C ASN A 125 2.66 -9.69 -7.21
N GLY A 126 1.90 -8.66 -6.82
CA GLY A 126 2.40 -7.29 -6.84
C GLY A 126 3.58 -7.09 -5.89
N VAL A 127 3.44 -7.61 -4.67
CA VAL A 127 4.50 -7.51 -3.67
C VAL A 127 5.72 -8.37 -4.05
N TYR A 128 5.48 -9.50 -4.72
CA TYR A 128 6.56 -10.35 -5.20
C TYR A 128 7.44 -9.59 -6.18
N TYR A 129 6.78 -8.84 -7.06
CA TYR A 129 7.48 -8.00 -8.03
C TYR A 129 8.30 -6.93 -7.33
N LEU A 130 7.68 -6.24 -6.36
CA LEU A 130 8.35 -5.16 -5.65
C LEU A 130 9.56 -5.67 -4.88
N HIS A 131 9.37 -6.76 -4.12
CA HIS A 131 10.44 -7.31 -3.31
C HIS A 131 11.57 -7.88 -4.16
N SER A 132 11.23 -8.41 -5.33
CA SER A 132 12.24 -8.86 -6.29
C SER A 132 13.13 -7.68 -6.72
N LEU A 133 12.57 -6.48 -6.71
CA LEU A 133 13.33 -5.27 -7.02
C LEU A 133 13.87 -4.60 -5.77
N GLN A 134 13.78 -5.31 -4.64
CA GLN A 134 14.22 -4.81 -3.34
C GLN A 134 13.50 -3.52 -2.92
N ILE A 135 12.25 -3.39 -3.34
CA ILE A 135 11.43 -2.26 -2.92
C ILE A 135 10.51 -2.69 -1.78
N ALA A 136 10.66 -2.06 -0.63
CA ALA A 136 9.72 -2.24 0.46
C ALA A 136 8.68 -1.13 0.34
N HIS A 137 7.40 -1.50 0.38
CA HIS A 137 6.32 -0.54 0.23
C HIS A 137 6.11 0.26 1.52
N PHE A 138 6.04 -0.45 2.64
CA PHE A 138 5.95 0.13 3.98
C PHE A 138 4.59 0.74 4.36
N ASP A 139 3.61 0.68 3.46
CA ASP A 139 2.29 1.23 3.77
C ASP A 139 1.16 0.41 3.16
N LEU A 140 1.31 -0.91 3.20
CA LEU A 140 0.29 -1.80 2.65
C LEU A 140 -0.92 -1.88 3.57
N LYS A 141 -2.08 -1.56 3.01
CA LYS A 141 -3.36 -1.58 3.72
C LYS A 141 -4.46 -1.49 2.66
N PRO A 142 -5.70 -1.87 3.02
CA PRO A 142 -6.83 -1.87 2.07
C PRO A 142 -7.07 -0.54 1.35
N GLU A 143 -6.78 0.60 1.98
CA GLU A 143 -7.01 1.87 1.28
C GLU A 143 -5.91 2.18 0.26
N ASN A 144 -4.81 1.44 0.32
CA ASN A 144 -3.75 1.58 -0.67
C ASN A 144 -3.79 0.47 -1.71
N ILE A 145 -4.95 -0.19 -1.81
CA ILE A 145 -5.23 -1.17 -2.84
C ILE A 145 -6.41 -0.62 -3.65
N MET A 146 -6.21 -0.41 -4.95
CA MET A 146 -7.24 0.17 -5.80
C MET A 146 -7.77 -0.86 -6.79
N LEU A 147 -9.08 -0.85 -7.01
CA LEU A 147 -9.71 -1.77 -7.96
C LEU A 147 -9.83 -1.10 -9.32
N LEU A 148 -9.62 -1.86 -10.40
CA LEU A 148 -9.79 -1.33 -11.75
C LEU A 148 -11.26 -1.12 -12.07
N ASP A 149 -12.06 -2.11 -11.66
CA ASP A 149 -13.51 -2.11 -11.88
C ASP A 149 -14.14 -2.94 -10.77
N ARG A 150 -14.97 -2.32 -9.94
CA ARG A 150 -15.54 -3.01 -8.79
C ARG A 150 -16.87 -3.71 -9.09
N ASN A 151 -17.41 -3.50 -10.29
CA ASN A 151 -18.65 -4.15 -10.69
C ASN A 151 -18.40 -5.44 -11.47
N VAL A 152 -17.41 -6.21 -11.01
CA VAL A 152 -17.10 -7.52 -11.58
C VAL A 152 -16.91 -8.52 -10.43
N PRO A 153 -17.17 -9.81 -10.68
CA PRO A 153 -17.12 -10.83 -9.62
C PRO A 153 -15.75 -10.93 -8.96
N LYS A 154 -14.70 -10.75 -9.76
CA LYS A 154 -13.33 -10.88 -9.29
C LYS A 154 -12.52 -9.66 -9.70
N PRO A 155 -12.67 -8.56 -8.96
CA PRO A 155 -12.01 -7.30 -9.34
C PRO A 155 -10.50 -7.42 -9.38
N ARG A 156 -9.89 -6.81 -10.38
CA ARG A 156 -8.44 -6.75 -10.48
C ARG A 156 -7.95 -5.55 -9.68
N ILE A 157 -6.79 -5.69 -9.05
CA ILE A 157 -6.29 -4.63 -8.18
C ILE A 157 -4.89 -4.14 -8.55
N LYS A 158 -4.57 -2.94 -8.08
CA LYS A 158 -3.24 -2.39 -8.20
C LYS A 158 -2.84 -1.74 -6.87
N ILE A 159 -1.60 -1.99 -6.46
CA ILE A 159 -1.06 -1.39 -5.25
C ILE A 159 -0.69 0.07 -5.52
N ILE A 160 -1.13 0.99 -4.65
CA ILE A 160 -0.82 2.40 -4.83
C ILE A 160 -0.10 3.00 -3.63
N ASP A 161 0.18 4.30 -3.71
CA ASP A 161 0.80 5.09 -2.64
C ASP A 161 2.21 4.64 -2.24
N PHE A 162 3.20 5.08 -3.00
CA PHE A 162 4.58 4.73 -2.70
C PHE A 162 5.31 5.81 -1.90
N GLY A 163 4.55 6.54 -1.08
CA GLY A 163 5.08 7.65 -0.31
C GLY A 163 6.00 7.27 0.82
N LEU A 164 5.95 6.01 1.25
CA LEU A 164 6.83 5.52 2.31
C LEU A 164 7.81 4.47 1.77
N ALA A 165 7.67 4.14 0.50
CA ALA A 165 8.47 3.09 -0.13
C ALA A 165 9.98 3.40 -0.12
N HIS A 166 10.79 2.37 0.11
CA HIS A 166 12.24 2.50 0.12
C HIS A 166 12.91 1.34 -0.60
N LYS A 167 14.01 1.63 -1.30
CA LYS A 167 14.87 0.58 -1.84
C LYS A 167 15.69 0.04 -0.69
N ILE A 168 15.66 -1.28 -0.50
CA ILE A 168 16.43 -1.91 0.56
C ILE A 168 17.68 -2.54 -0.03
N ASP A 169 18.79 -1.81 -0.01
CA ASP A 169 20.03 -2.29 -0.63
C ASP A 169 20.93 -3.11 0.29
N PHE A 170 20.71 -3.02 1.60
CA PHE A 170 21.54 -3.75 2.56
C PHE A 170 20.74 -4.70 3.44
N GLY A 171 19.63 -5.22 2.94
CA GLY A 171 18.80 -6.10 3.74
C GLY A 171 17.95 -5.36 4.75
N ASN A 172 18.37 -4.15 5.13
CA ASN A 172 17.56 -3.30 5.98
C ASN A 172 17.80 -1.80 5.78
N GLU A 173 16.83 -1.00 6.21
CA GLU A 173 16.93 0.45 6.21
C GLU A 173 16.70 0.95 7.63
N PHE A 174 17.23 2.13 7.95
CA PHE A 174 17.06 2.69 9.30
C PHE A 174 16.62 4.14 9.22
N LYS A 175 15.55 4.39 8.47
CA LYS A 175 15.01 5.73 8.32
C LYS A 175 13.89 5.99 9.32
N ASN A 176 13.23 7.13 9.17
CA ASN A 176 12.05 7.46 9.97
C ASN A 176 11.03 6.33 9.86
N ILE A 177 10.20 6.41 8.82
CA ILE A 177 9.32 5.32 8.41
C ILE A 177 8.36 4.83 9.50
N PHE A 178 7.09 5.23 9.36
CA PHE A 178 6.05 4.83 10.27
C PHE A 178 4.72 5.02 9.56
N GLY A 179 4.00 3.94 9.34
CA GLY A 179 2.72 4.00 8.64
C GLY A 179 1.52 3.99 9.56
N THR A 180 0.46 3.32 9.13
CA THR A 180 -0.80 3.26 9.86
C THR A 180 -0.73 2.19 10.94
N PRO A 181 -0.96 2.58 12.20
CA PRO A 181 -0.79 1.71 13.38
C PRO A 181 -1.41 0.32 13.26
N GLU A 182 -2.58 0.20 12.67
CA GLU A 182 -3.23 -1.10 12.55
C GLU A 182 -2.45 -2.08 11.69
N PHE A 183 -1.57 -1.57 10.83
CA PHE A 183 -0.92 -2.40 9.82
C PHE A 183 0.60 -2.48 9.93
N VAL A 184 1.19 -1.66 10.79
CA VAL A 184 2.65 -1.64 10.91
C VAL A 184 3.16 -2.85 11.69
N ALA A 185 4.33 -3.35 11.29
CA ALA A 185 4.97 -4.48 11.94
C ALA A 185 5.60 -4.05 13.26
N PRO A 186 5.85 -5.01 14.16
CA PRO A 186 6.45 -4.66 15.46
C PRO A 186 7.80 -3.96 15.33
N GLU A 187 8.60 -4.26 14.31
CA GLU A 187 9.89 -3.60 14.13
C GLU A 187 9.71 -2.11 13.83
N ILE A 188 8.60 -1.75 13.20
CA ILE A 188 8.29 -0.34 12.97
C ILE A 188 7.88 0.33 14.29
N VAL A 189 7.01 -0.35 15.04
CA VAL A 189 6.57 0.13 16.35
C VAL A 189 7.75 0.36 17.30
N ASN A 190 8.74 -0.53 17.24
CA ASN A 190 9.89 -0.46 18.13
C ASN A 190 11.09 0.28 17.54
N TYR A 191 10.88 0.94 16.41
CA TYR A 191 11.92 1.77 15.78
C TYR A 191 13.21 0.99 15.50
N GLU A 192 13.06 -0.23 15.02
CA GLU A 192 14.20 -1.07 14.69
C GLU A 192 14.47 -1.00 13.19
N PRO A 193 15.65 -1.46 12.74
CA PRO A 193 15.93 -1.46 11.30
C PRO A 193 14.87 -2.26 10.54
N LEU A 194 14.47 -1.77 9.37
CA LEU A 194 13.35 -2.33 8.64
C LEU A 194 13.77 -2.90 7.29
N GLY A 195 13.09 -3.97 6.86
CA GLY A 195 13.37 -4.56 5.57
C GLY A 195 12.09 -4.99 4.89
N LEU A 196 12.21 -5.88 3.90
CA LEU A 196 11.06 -6.36 3.15
C LEU A 196 10.09 -7.13 4.05
N GLU A 197 10.56 -7.58 5.20
CA GLU A 197 9.73 -8.38 6.10
C GLU A 197 8.51 -7.62 6.61
N ALA A 198 8.64 -6.31 6.77
CA ALA A 198 7.57 -5.48 7.31
C ALA A 198 6.31 -5.55 6.45
N ASP A 199 6.51 -5.61 5.13
CA ASP A 199 5.39 -5.74 4.19
C ASP A 199 4.62 -7.05 4.40
N MET A 200 5.35 -8.10 4.77
CA MET A 200 4.75 -9.41 4.93
C MET A 200 3.84 -9.46 6.16
N TRP A 201 4.21 -8.74 7.21
CA TRP A 201 3.35 -8.59 8.38
C TRP A 201 2.06 -7.88 7.97
N SER A 202 2.19 -6.81 7.22
CA SER A 202 1.03 -6.05 6.77
C SER A 202 0.08 -6.91 5.95
N ILE A 203 0.65 -7.80 5.14
CA ILE A 203 -0.15 -8.74 4.36
C ILE A 203 -0.95 -9.68 5.27
N GLY A 204 -0.34 -10.08 6.39
CA GLY A 204 -1.03 -10.91 7.36
C GLY A 204 -2.22 -10.20 7.96
N VAL A 205 -2.05 -8.91 8.27
CA VAL A 205 -3.14 -8.10 8.79
C VAL A 205 -4.24 -7.95 7.76
N ILE A 206 -3.85 -7.65 6.53
CA ILE A 206 -4.82 -7.52 5.44
C ILE A 206 -5.62 -8.82 5.27
N THR A 207 -4.93 -9.96 5.31
CA THR A 207 -5.59 -11.26 5.16
C THR A 207 -6.62 -11.51 6.27
N TYR A 208 -6.23 -11.20 7.51
CA TYR A 208 -7.13 -11.32 8.67
C TYR A 208 -8.40 -10.49 8.44
N ILE A 209 -8.23 -9.27 7.95
CA ILE A 209 -9.36 -8.37 7.70
C ILE A 209 -10.24 -8.89 6.56
N LEU A 210 -9.60 -9.33 5.48
CA LEU A 210 -10.31 -9.88 4.32
C LEU A 210 -11.27 -11.00 4.73
N LEU A 211 -10.80 -11.87 5.62
CA LEU A 211 -11.56 -13.06 6.02
C LEU A 211 -12.62 -12.79 7.10
N SER A 212 -12.37 -11.80 7.96
CA SER A 212 -13.20 -11.64 9.16
C SER A 212 -14.00 -10.35 9.20
N GLY A 213 -13.50 -9.30 8.56
CA GLY A 213 -14.13 -8.00 8.64
C GLY A 213 -13.67 -7.25 9.87
N ALA A 214 -12.74 -7.85 10.61
CA ALA A 214 -12.23 -7.27 11.86
C ALA A 214 -10.72 -7.00 11.77
N SER A 215 -10.26 -6.01 12.52
CA SER A 215 -8.85 -5.65 12.57
C SER A 215 -8.21 -6.33 13.78
N PRO A 216 -7.14 -7.11 13.56
CA PRO A 216 -6.58 -8.00 14.60
C PRO A 216 -5.93 -7.31 15.81
N PHE A 217 -5.38 -6.11 15.64
CA PHE A 217 -4.67 -5.44 16.73
C PHE A 217 -5.33 -4.13 17.18
N LEU A 218 -6.42 -3.75 16.52
CA LEU A 218 -7.07 -2.47 16.78
C LEU A 218 -7.48 -2.28 18.24
N GLY A 219 -6.93 -1.25 18.87
CA GLY A 219 -7.32 -0.86 20.22
C GLY A 219 -8.20 0.38 20.19
N ASP A 220 -8.53 0.93 21.36
CA ASP A 220 -9.41 2.09 21.45
C ASP A 220 -8.69 3.39 21.11
N THR A 221 -7.36 3.35 21.12
CA THR A 221 -6.55 4.53 20.81
C THR A 221 -5.35 4.09 19.99
N LYS A 222 -4.63 5.04 19.43
CA LYS A 222 -3.48 4.71 18.60
C LYS A 222 -2.39 3.99 19.39
N GLN A 223 -2.16 4.43 20.64
CA GLN A 223 -1.12 3.81 21.45
C GLN A 223 -1.47 2.38 21.88
N GLU A 224 -2.75 2.11 22.12
CA GLU A 224 -3.18 0.75 22.42
C GLU A 224 -2.93 -0.19 21.25
N THR A 225 -3.22 0.27 20.04
CA THR A 225 -3.01 -0.52 18.83
C THR A 225 -1.54 -0.87 18.68
N LEU A 226 -0.68 0.14 18.87
CA LEU A 226 0.77 -0.04 18.74
C LEU A 226 1.28 -1.01 19.81
N ALA A 227 0.74 -0.90 21.01
CA ALA A 227 1.11 -1.80 22.10
C ALA A 227 0.71 -3.23 21.76
N ASN A 228 -0.50 -3.40 21.22
CA ASN A 228 -0.99 -4.72 20.80
C ASN A 228 -0.11 -5.33 19.72
N VAL A 229 0.30 -4.50 18.76
CA VAL A 229 1.16 -4.96 17.67
C VAL A 229 2.47 -5.49 18.20
N SER A 230 3.12 -4.72 19.07
CA SER A 230 4.44 -5.08 19.58
C SER A 230 4.39 -6.36 20.42
N ALA A 231 3.27 -6.57 21.10
CA ALA A 231 3.11 -7.77 21.93
C ALA A 231 2.51 -8.93 21.14
N VAL A 232 2.22 -8.70 19.86
CA VAL A 232 1.52 -9.69 19.02
C VAL A 232 0.22 -10.11 19.71
N ASN A 233 -0.52 -9.12 20.17
CA ASN A 233 -1.78 -9.32 20.86
C ASN A 233 -2.95 -9.44 19.86
N TYR A 234 -3.10 -10.61 19.26
CA TYR A 234 -4.25 -10.92 18.42
C TYR A 234 -4.66 -12.37 18.62
N GLU A 235 -5.90 -12.70 18.23
CA GLU A 235 -6.38 -14.07 18.25
C GLU A 235 -7.48 -14.24 17.20
N PHE A 236 -7.73 -15.47 16.77
CA PHE A 236 -8.82 -15.71 15.83
C PHE A 236 -10.13 -15.91 16.57
N GLU A 237 -10.99 -14.89 16.58
CA GLU A 237 -12.28 -14.99 17.26
C GLU A 237 -13.16 -16.03 16.58
N ASP A 238 -13.63 -16.99 17.36
CA ASP A 238 -14.46 -18.06 16.83
C ASP A 238 -15.71 -17.53 16.11
N GLU A 239 -16.27 -16.43 16.59
CA GLU A 239 -17.45 -15.86 15.96
C GLU A 239 -17.16 -15.47 14.50
N TYR A 240 -15.92 -15.09 14.23
CA TYR A 240 -15.53 -14.67 12.89
C TYR A 240 -14.91 -15.80 12.07
N PHE A 241 -14.20 -16.70 12.75
CA PHE A 241 -13.36 -17.68 12.08
C PHE A 241 -13.82 -19.14 12.20
N SER A 242 -14.95 -19.39 12.88
CA SER A 242 -15.36 -20.78 13.16
C SER A 242 -15.49 -21.67 11.93
N ASN A 243 -15.83 -21.06 10.80
CA ASN A 243 -15.93 -21.82 9.55
C ASN A 243 -14.91 -21.38 8.50
N THR A 244 -13.85 -20.73 8.97
CA THR A 244 -12.71 -20.39 8.12
C THR A 244 -11.75 -21.58 8.15
N SER A 245 -11.17 -21.93 7.02
CA SER A 245 -10.28 -23.10 6.96
C SER A 245 -9.04 -22.92 7.84
N ALA A 246 -8.53 -24.02 8.36
CA ALA A 246 -7.37 -23.96 9.25
C ALA A 246 -6.12 -23.51 8.50
N LEU A 247 -6.06 -23.83 7.21
CA LEU A 247 -4.94 -23.44 6.37
C LEU A 247 -4.87 -21.92 6.18
N ALA A 248 -6.04 -21.29 6.16
CA ALA A 248 -6.10 -19.84 6.09
C ALA A 248 -5.54 -19.22 7.37
N LYS A 249 -5.89 -19.81 8.51
CA LYS A 249 -5.37 -19.36 9.80
C LYS A 249 -3.87 -19.61 9.89
N ASP A 250 -3.41 -20.73 9.35
CA ASP A 250 -1.98 -21.06 9.35
C ASP A 250 -1.19 -20.03 8.55
N PHE A 251 -1.77 -19.59 7.44
CA PHE A 251 -1.16 -18.59 6.57
C PHE A 251 -0.93 -17.29 7.35
N ILE A 252 -1.99 -16.81 8.00
CA ILE A 252 -1.93 -15.59 8.79
C ILE A 252 -0.96 -15.75 9.96
N ARG A 253 -1.02 -16.91 10.60
CA ARG A 253 -0.21 -17.17 11.79
C ARG A 253 1.29 -17.08 11.48
N ARG A 254 1.68 -17.50 10.28
CA ARG A 254 3.08 -17.50 9.89
C ARG A 254 3.55 -16.15 9.38
N LEU A 255 2.61 -15.22 9.22
CA LEU A 255 2.93 -13.85 8.84
C LEU A 255 2.97 -12.93 10.06
N LEU A 256 2.04 -13.12 10.98
CA LEU A 256 2.00 -12.28 12.18
C LEU A 256 2.98 -12.81 13.23
N VAL A 257 4.26 -12.77 12.88
CA VAL A 257 5.35 -13.26 13.71
C VAL A 257 6.26 -12.08 14.05
N LYS A 258 6.54 -11.88 15.34
CA LYS A 258 7.33 -10.73 15.78
C LYS A 258 8.73 -10.69 15.18
N ASP A 259 9.44 -11.82 15.24
CA ASP A 259 10.79 -11.92 14.69
C ASP A 259 10.73 -11.92 13.16
N PRO A 260 11.24 -10.85 12.53
CA PRO A 260 11.18 -10.71 11.06
C PRO A 260 11.87 -11.87 10.37
N LYS A 261 12.88 -12.45 11.02
CA LYS A 261 13.64 -13.57 10.47
C LYS A 261 12.83 -14.86 10.40
N LYS A 262 11.84 -15.00 11.28
CA LYS A 262 11.02 -16.20 11.32
C LYS A 262 9.73 -16.02 10.54
N ARG A 263 9.49 -14.81 10.08
CA ARG A 263 8.28 -14.46 9.33
C ARG A 263 8.36 -15.01 7.89
N MET A 264 7.22 -15.44 7.34
CA MET A 264 7.20 -15.91 5.95
C MET A 264 7.65 -14.79 5.01
N THR A 265 8.49 -15.13 4.04
CA THR A 265 8.87 -14.20 2.99
C THR A 265 7.79 -14.20 1.91
N ILE A 266 7.91 -13.33 0.92
CA ILE A 266 6.94 -13.30 -0.17
C ILE A 266 6.98 -14.60 -0.98
N GLN A 267 8.18 -15.18 -1.14
CA GLN A 267 8.30 -16.46 -1.82
C GLN A 267 7.66 -17.59 -1.03
N ASP A 268 7.84 -17.57 0.30
CA ASP A 268 7.20 -18.57 1.16
C ASP A 268 5.68 -18.48 1.01
N SER A 269 5.15 -17.27 0.98
CA SER A 269 3.70 -17.06 0.96
C SER A 269 3.07 -17.59 -0.32
N LEU A 270 3.82 -17.58 -1.41
CA LEU A 270 3.31 -18.08 -2.69
C LEU A 270 3.37 -19.60 -2.76
N GLN A 271 4.21 -20.21 -1.91
CA GLN A 271 4.36 -21.66 -1.87
C GLN A 271 3.49 -22.29 -0.78
N HIS A 272 2.95 -21.45 0.10
CA HIS A 272 2.09 -21.92 1.18
C HIS A 272 0.90 -22.68 0.61
N PRO A 273 0.56 -23.83 1.23
CA PRO A 273 -0.50 -24.73 0.76
C PRO A 273 -1.85 -24.04 0.53
N TRP A 274 -2.15 -22.98 1.26
CA TRP A 274 -3.40 -22.24 1.07
C TRP A 274 -3.39 -21.51 -0.26
N ILE A 275 -2.19 -21.11 -0.71
CA ILE A 275 -2.06 -20.29 -1.91
C ILE A 275 -1.66 -21.09 -3.15
N LYS A 276 -0.71 -22.02 -2.98
CA LYS A 276 -0.11 -22.73 -4.09
C LYS A 276 -1.11 -23.56 -4.90
N PRO A 277 -1.10 -23.39 -6.23
CA PRO A 277 -1.94 -24.19 -7.13
C PRO A 277 -1.58 -25.68 -7.06
C1 KMP B . -3.15 9.69 -0.88
C2 KMP B . -4.47 9.51 -1.28
C3 KMP B . -4.80 8.91 -2.49
C4 KMP B . -3.75 8.49 -3.31
C5 KMP B . -2.43 8.64 -2.92
C6 KMP B . -2.13 9.24 -1.71
C9 KMP B . -6.11 8.77 -2.88
C10 KMP B . -6.36 8.22 -4.13
C11 KMP B . -5.33 7.76 -4.96
C14 KMP B . -5.42 7.24 -6.26
C15 KMP B . -4.22 7.16 -6.96
C16 KMP B . -4.19 6.69 -8.26
C17 KMP B . -5.36 6.28 -8.89
C18 KMP B . -6.56 6.36 -8.20
C19 KMP B . -6.60 6.84 -6.88
O12 KMP B . -4.04 7.90 -4.51
O13 KMP B . -7.04 9.16 -2.16
O24 KMP B . -5.31 5.82 -10.16
O27 KMP B . -7.66 8.13 -4.53
O29 KMP B . -0.83 9.41 -1.33
O30 KMP B . -5.52 9.92 -0.52
I IOD C . 1.36 6.66 -5.89
I IOD D . -0.33 6.94 -5.93
I IOD E . -7.26 0.92 5.39
I IOD F . -9.12 -1.64 6.45
I IOD G . -5.33 3.01 15.84
I IOD H . 11.89 -11.85 -3.57
I IOD I . 9.90 -10.82 1.65
I IOD J . -11.34 13.73 -16.44
I IOD K . 5.19 -25.51 12.66
#